data_5EV2
#
_entry.id   5EV2
#
_cell.length_a   61.469
_cell.length_b   115.220
_cell.length_c   59.544
_cell.angle_alpha   90.00
_cell.angle_beta   90.00
_cell.angle_gamma   90.00
#
_symmetry.space_group_name_H-M   'C 2 2 21'
#
loop_
_entity.id
_entity.type
_entity.pdbx_description
1 polymer 'Splicing factor U2AF 65 kDa subunit'
2 polymer "DNA (5'-R(P*UP*U)-D(P*UP*U)-R(P*U)-D(P*UP*(BRU)P*U)-3')"
3 non-polymer '1,4-DIETHYLENE DIOXIDE'
4 non-polymer 'TRIETHYLENE GLYCOL'
5 non-polymer DI(HYDROXYETHYL)ETHER
6 water water
#
loop_
_entity_poly.entity_id
_entity_poly.type
_entity_poly.pdbx_seq_one_letter_code
_entity_poly.pdbx_strand_id
1 'polypeptide(L)'
;GSQMTRQARRLYVGNIPFGITEEAMMDFFNAQMRLGGLTQAPGNPVLAVQINQDKNFAFLEFRSVDETTQAMAFDGIIFQ
GQSLKIRRPHDYQPLPGMSENPSVYVPGVVSTVVPDSAHKLFIGGLPNYLNDDQVKELLTSFGPLKAFNLVKDSATGLSK
GYAFCEYVDINVTDQAIAGLNGMQLGDKKLLVQRASVGAKN
;
A
2 'polydeoxyribonucleotide/polyribonucleotide hybrid' UU(DU)(DU)U(DU)(BRU)(DU) B
#
# COMPACT_ATOMS: atom_id res chain seq x y z
N GLN A 3 19.14 19.08 1.92
CA GLN A 3 18.29 20.06 1.27
C GLN A 3 17.10 19.37 0.56
N MET A 4 16.55 20.06 -0.44
CA MET A 4 15.37 19.55 -1.12
C MET A 4 15.70 18.38 -2.01
N THR A 5 16.93 18.31 -2.53
CA THR A 5 17.32 17.13 -3.28
C THR A 5 17.27 15.90 -2.40
N ARG A 6 17.60 16.05 -1.11
CA ARG A 6 17.66 14.90 -0.23
C ARG A 6 16.27 14.36 0.11
N GLN A 7 15.31 15.24 0.37
CA GLN A 7 13.95 14.78 0.54
C GLN A 7 13.35 14.27 -0.76
N ALA A 8 13.91 14.67 -1.91
CA ALA A 8 13.54 14.09 -3.19
C ALA A 8 14.17 12.73 -3.41
N ARG A 9 14.96 12.25 -2.46
CA ARG A 9 15.49 10.89 -2.50
C ARG A 9 14.99 10.02 -1.34
N ARG A 10 13.93 10.42 -0.66
CA ARG A 10 13.43 9.68 0.50
C ARG A 10 11.96 9.36 0.32
N LEU A 11 11.53 8.21 0.85
CA LEU A 11 10.14 7.86 0.87
C LEU A 11 9.72 7.33 2.23
N TYR A 12 8.52 7.70 2.64
CA TYR A 12 7.86 7.06 3.76
C TYR A 12 7.31 5.71 3.32
N VAL A 13 7.55 4.67 4.13
CA VAL A 13 7.03 3.34 3.86
C VAL A 13 6.26 2.95 5.11
N GLY A 14 4.94 2.98 5.05
CA GLY A 14 4.10 2.63 6.18
C GLY A 14 3.61 1.18 6.15
N ASN A 15 3.10 0.76 7.33
CA ASN A 15 2.44 -0.54 7.48
C ASN A 15 3.47 -1.67 7.36
N ILE A 16 4.66 -1.41 7.88
CA ILE A 16 5.72 -2.40 7.86
C ILE A 16 5.42 -3.51 8.87
N PRO A 17 5.60 -4.78 8.51
CA PRO A 17 5.32 -5.86 9.47
C PRO A 17 6.17 -5.77 10.73
N PHE A 18 5.61 -6.31 11.81
CA PHE A 18 6.38 -6.47 13.04
C PHE A 18 7.62 -7.33 12.80
N GLY A 19 8.73 -6.93 13.41
CA GLY A 19 9.94 -7.72 13.38
C GLY A 19 10.84 -7.49 12.19
N ILE A 20 10.50 -6.58 11.29
CA ILE A 20 11.33 -6.39 10.11
C ILE A 20 12.58 -5.61 10.48
N THR A 21 13.73 -6.11 10.03
CA THR A 21 15.01 -5.45 10.22
C THR A 21 15.31 -4.54 9.04
N GLU A 22 16.25 -3.61 9.27
CA GLU A 22 16.77 -2.82 8.16
C GLU A 22 17.26 -3.71 7.03
N GLU A 23 17.99 -4.78 7.37
CA GLU A 23 18.55 -5.63 6.32
C GLU A 23 17.43 -6.27 5.50
N ALA A 24 16.38 -6.75 6.15
CA ALA A 24 15.28 -7.37 5.43
C ALA A 24 14.59 -6.38 4.50
N MET A 25 14.39 -5.13 4.97
CA MET A 25 13.71 -4.15 4.13
C MET A 25 14.58 -3.76 2.94
N MET A 26 15.88 -3.56 3.19
CA MET A 26 16.83 -3.24 2.12
C MET A 26 16.84 -4.33 1.06
N ASP A 27 17.00 -5.57 1.50
CA ASP A 27 17.11 -6.67 0.55
C ASP A 27 15.84 -6.83 -0.27
N PHE A 28 14.68 -6.65 0.37
CA PHE A 28 13.41 -6.72 -0.36
C PHE A 28 13.30 -5.60 -1.40
N PHE A 29 13.49 -4.35 -0.98
CA PHE A 29 13.27 -3.26 -1.92
C PHE A 29 14.30 -3.24 -3.04
N ASN A 30 15.58 -3.51 -2.72
CA ASN A 30 16.58 -3.54 -3.77
C ASN A 30 16.29 -4.64 -4.78
N ALA A 31 15.98 -5.84 -4.31
CA ALA A 31 15.71 -6.94 -5.23
C ALA A 31 14.47 -6.66 -6.06
N GLN A 32 13.41 -6.19 -5.42
CA GLN A 32 12.16 -6.01 -6.16
C GLN A 32 12.28 -4.89 -7.19
N MET A 33 13.00 -3.83 -6.86
N MET A 33 12.97 -3.81 -6.83
CA MET A 33 13.20 -2.77 -7.83
CA MET A 33 13.25 -2.73 -7.77
C MET A 33 14.02 -3.24 -9.02
C MET A 33 13.99 -3.25 -8.99
N ARG A 34 15.01 -4.08 -8.78
CA ARG A 34 15.83 -4.55 -9.89
C ARG A 34 15.08 -5.59 -10.71
N LEU A 35 14.42 -6.53 -10.05
CA LEU A 35 13.62 -7.51 -10.78
C LEU A 35 12.44 -6.87 -11.47
N GLY A 36 11.89 -5.79 -10.91
CA GLY A 36 10.83 -5.06 -11.58
C GLY A 36 11.25 -4.09 -12.66
N GLY A 37 12.55 -3.95 -12.91
CA GLY A 37 13.00 -3.03 -13.92
C GLY A 37 12.83 -1.56 -13.56
N LEU A 38 12.78 -1.24 -12.27
CA LEU A 38 12.60 0.15 -11.87
C LEU A 38 13.91 0.91 -11.69
N THR A 39 15.04 0.25 -11.82
CA THR A 39 16.32 0.94 -11.63
C THR A 39 16.82 1.51 -12.95
N GLN A 40 17.69 2.49 -12.86
CA GLN A 40 18.14 3.22 -14.04
C GLN A 40 19.62 3.03 -14.28
N ALA A 41 20.32 2.34 -13.39
CA ALA A 41 21.77 2.16 -13.46
C ALA A 41 22.11 0.82 -12.85
N PRO A 42 23.33 0.34 -13.06
CA PRO A 42 23.74 -0.90 -12.39
C PRO A 42 23.66 -0.79 -10.88
N GLY A 43 23.46 -1.92 -10.22
CA GLY A 43 23.51 -2.01 -8.77
C GLY A 43 22.22 -1.70 -8.03
N ASN A 44 22.37 -1.54 -6.72
CA ASN A 44 21.23 -1.40 -5.81
C ASN A 44 20.81 0.06 -5.68
N PRO A 45 19.53 0.37 -5.74
CA PRO A 45 19.10 1.76 -5.72
C PRO A 45 18.84 2.34 -4.33
N VAL A 46 18.64 1.50 -3.32
CA VAL A 46 18.35 1.99 -1.97
C VAL A 46 19.66 2.10 -1.22
N LEU A 47 19.88 3.25 -0.60
CA LEU A 47 21.09 3.50 0.17
C LEU A 47 20.93 3.30 1.66
N ALA A 48 19.75 3.56 2.22
CA ALA A 48 19.57 3.48 3.67
C ALA A 48 18.11 3.28 4.00
N VAL A 49 17.86 2.65 5.16
CA VAL A 49 16.52 2.48 5.70
C VAL A 49 16.59 2.84 7.17
N GLN A 50 15.60 3.60 7.64
CA GLN A 50 15.47 3.93 9.05
C GLN A 50 14.09 3.47 9.48
N ILE A 51 14.04 2.53 10.42
CA ILE A 51 12.80 1.91 10.85
C ILE A 51 12.38 2.47 12.20
N ASN A 52 11.12 2.80 12.33
CA ASN A 52 10.54 3.13 13.61
C ASN A 52 9.60 1.96 13.94
N GLN A 53 10.05 1.07 14.82
CA GLN A 53 9.26 -0.10 15.20
C GLN A 53 8.01 0.25 15.98
N ASP A 54 8.00 1.41 16.66
CA ASP A 54 6.86 1.81 17.47
C ASP A 54 5.70 2.26 16.61
N LYS A 55 5.95 2.75 15.40
CA LYS A 55 4.89 3.27 14.55
C LYS A 55 4.81 2.53 13.22
N ASN A 56 5.57 1.46 13.08
CA ASN A 56 5.53 0.58 11.92
C ASN A 56 5.69 1.36 10.62
N PHE A 57 6.65 2.28 10.60
CA PHE A 57 7.03 2.94 9.35
C PHE A 57 8.53 2.98 9.24
N ALA A 58 8.97 3.24 8.02
CA ALA A 58 10.38 3.40 7.72
C ALA A 58 10.50 4.55 6.74
N PHE A 59 11.68 5.14 6.71
CA PHE A 59 12.07 6.00 5.62
C PHE A 59 13.17 5.28 4.85
N LEU A 60 12.99 5.18 3.56
CA LEU A 60 14.03 4.69 2.65
C LEU A 60 14.67 5.86 1.97
N GLU A 61 15.98 5.78 1.80
CA GLU A 61 16.75 6.79 1.10
C GLU A 61 17.39 6.13 -0.11
N PHE A 62 17.17 6.73 -1.27
CA PHE A 62 17.58 6.17 -2.55
C PHE A 62 18.76 6.95 -3.09
N ARG A 63 19.44 6.35 -4.04
CA ARG A 63 20.60 6.99 -4.60
C ARG A 63 20.27 7.99 -5.68
N SER A 64 19.02 8.11 -6.09
CA SER A 64 18.69 9.03 -7.19
CA SER A 64 18.69 9.03 -7.19
C SER A 64 17.25 9.49 -7.08
N VAL A 65 17.01 10.68 -7.62
CA VAL A 65 15.67 11.26 -7.61
C VAL A 65 14.74 10.41 -8.45
N ASP A 66 15.20 9.98 -9.61
CA ASP A 66 14.29 9.29 -10.52
C ASP A 66 13.93 7.90 -9.98
N GLU A 67 14.88 7.20 -9.35
CA GLU A 67 14.53 5.88 -8.82
C GLU A 67 13.64 6.02 -7.60
N THR A 68 13.77 7.12 -6.86
CA THR A 68 12.83 7.40 -5.77
C THR A 68 11.43 7.51 -6.35
N THR A 69 11.28 8.31 -7.42
CA THR A 69 9.97 8.48 -8.03
C THR A 69 9.42 7.15 -8.53
N GLN A 70 10.27 6.36 -9.19
CA GLN A 70 9.78 5.09 -9.72
C GLN A 70 9.33 4.16 -8.61
N ALA A 71 9.99 4.23 -7.46
CA ALA A 71 9.63 3.35 -6.34
C ALA A 71 8.21 3.61 -5.83
N MET A 72 7.65 4.79 -6.10
CA MET A 72 6.25 5.05 -5.76
C MET A 72 5.31 4.07 -6.43
N ALA A 73 5.74 3.46 -7.55
CA ALA A 73 4.92 2.45 -8.20
C ALA A 73 4.77 1.18 -7.36
N PHE A 74 5.51 1.06 -6.26
CA PHE A 74 5.37 -0.07 -5.35
C PHE A 74 4.40 0.21 -4.23
N ASP A 75 3.71 1.35 -4.23
CA ASP A 75 2.67 1.58 -3.23
C ASP A 75 1.66 0.44 -3.27
N GLY A 76 1.51 -0.25 -2.14
CA GLY A 76 0.65 -1.43 -2.02
C GLY A 76 1.34 -2.77 -2.21
N ILE A 77 2.64 -2.79 -2.54
CA ILE A 77 3.34 -4.06 -2.70
C ILE A 77 3.21 -4.87 -1.40
N ILE A 78 2.96 -6.17 -1.53
CA ILE A 78 2.80 -7.03 -0.35
C ILE A 78 4.18 -7.47 0.14
N PHE A 79 4.41 -7.29 1.44
CA PHE A 79 5.64 -7.71 2.10
C PHE A 79 5.22 -8.44 3.37
N GLN A 80 5.46 -9.75 3.43
CA GLN A 80 5.04 -10.57 4.59
C GLN A 80 3.54 -10.36 4.89
N GLY A 81 2.73 -10.35 3.85
CA GLY A 81 1.29 -10.29 3.95
C GLY A 81 0.70 -8.90 4.09
N GLN A 82 1.52 -7.86 4.17
CA GLN A 82 1.07 -6.51 4.48
C GLN A 82 1.30 -5.60 3.28
N SER A 83 0.30 -4.75 3.00
CA SER A 83 0.37 -3.80 1.89
C SER A 83 1.17 -2.58 2.32
N LEU A 84 2.38 -2.45 1.80
CA LEU A 84 3.23 -1.31 2.17
C LEU A 84 2.68 -0.02 1.60
N LYS A 85 2.58 0.99 2.44
CA LYS A 85 2.14 2.32 2.04
C LYS A 85 3.35 3.16 1.69
N ILE A 86 3.47 3.55 0.44
CA ILE A 86 4.61 4.33 -0.01
C ILE A 86 4.11 5.73 -0.31
N ARG A 87 4.71 6.71 0.35
CA ARG A 87 4.29 8.09 0.26
C ARG A 87 5.52 8.99 0.17
N ARG A 88 5.34 10.16 -0.44
CA ARG A 88 6.37 11.18 -0.35
C ARG A 88 6.53 11.65 1.09
N PRO A 89 7.73 12.05 1.49
CA PRO A 89 7.88 12.69 2.79
C PRO A 89 7.05 13.95 2.84
N HIS A 90 6.55 14.28 4.04
CA HIS A 90 5.78 15.53 4.19
C HIS A 90 6.63 16.76 3.82
N ASP A 91 7.91 16.72 4.08
CA ASP A 91 8.78 17.85 3.78
C ASP A 91 9.26 17.90 2.33
N TYR A 92 8.76 17.02 1.48
CA TYR A 92 9.24 16.95 0.12
C TYR A 92 8.60 18.02 -0.75
N GLN A 93 9.43 18.65 -1.54
CA GLN A 93 8.95 19.55 -2.56
C GLN A 93 9.79 19.32 -3.80
N PRO A 94 9.18 18.97 -4.94
CA PRO A 94 9.97 18.78 -6.16
C PRO A 94 10.50 20.11 -6.69
N LEU A 95 11.76 20.13 -7.04
CA LEU A 95 12.33 21.29 -7.73
C LEU A 95 12.07 21.17 -9.21
N PRO A 96 12.04 22.31 -9.93
CA PRO A 96 11.79 22.23 -11.39
C PRO A 96 12.73 21.24 -12.05
N GLY A 97 12.19 20.46 -12.97
CA GLY A 97 12.94 19.40 -13.60
C GLY A 97 12.90 18.07 -12.87
N MET A 98 12.47 18.04 -11.60
CA MET A 98 12.43 16.79 -10.86
C MET A 98 11.16 16.01 -11.23
N SER A 99 11.34 14.72 -11.56
CA SER A 99 10.20 13.83 -11.81
C SER A 99 9.30 13.77 -10.59
N GLU A 100 8.00 13.61 -10.83
CA GLU A 100 7.01 13.51 -9.73
C GLU A 100 6.22 12.21 -9.69
N ASN A 101 5.84 11.68 -10.83
CA ASN A 101 5.00 10.50 -10.91
C ASN A 101 5.77 9.36 -11.52
N PRO A 102 5.57 8.13 -11.06
CA PRO A 102 6.24 6.99 -11.69
C PRO A 102 5.75 6.78 -13.10
N SER A 103 6.64 6.34 -13.95
CA SER A 103 6.31 6.14 -15.37
C SER A 103 5.99 4.70 -15.68
N VAL A 104 6.05 3.82 -14.71
CA VAL A 104 5.81 2.40 -14.94
C VAL A 104 4.71 1.96 -13.98
N TYR A 105 3.88 1.03 -14.46
CA TYR A 105 2.92 0.33 -13.64
C TYR A 105 3.47 -1.08 -13.41
N VAL A 106 3.43 -1.55 -12.17
CA VAL A 106 3.97 -2.85 -11.81
C VAL A 106 2.79 -3.81 -11.71
N PRO A 107 2.67 -4.79 -12.61
CA PRO A 107 1.53 -5.72 -12.56
C PRO A 107 1.39 -6.43 -11.22
N GLY A 108 0.17 -6.50 -10.74
CA GLY A 108 -0.12 -7.12 -9.48
C GLY A 108 -0.10 -6.20 -8.28
N VAL A 109 0.50 -5.00 -8.38
CA VAL A 109 0.56 -4.09 -7.25
C VAL A 109 -0.73 -3.27 -7.23
N VAL A 110 -1.42 -3.31 -6.09
CA VAL A 110 -2.68 -2.60 -5.87
C VAL A 110 -2.40 -1.40 -4.98
N SER A 111 -2.68 -0.22 -5.48
CA SER A 111 -2.48 1.02 -4.74
C SER A 111 -3.20 0.99 -3.39
N THR A 112 -2.59 1.66 -2.38
CA THR A 112 -3.25 1.81 -1.09
C THR A 112 -4.09 3.10 -1.00
N VAL A 113 -4.04 3.94 -2.02
CA VAL A 113 -4.77 5.20 -2.02
C VAL A 113 -6.14 4.94 -2.63
N VAL A 114 -7.18 5.08 -1.82
CA VAL A 114 -8.55 4.80 -2.26
C VAL A 114 -9.32 6.12 -2.21
N PRO A 115 -9.35 6.90 -3.29
CA PRO A 115 -10.05 8.18 -3.23
C PRO A 115 -11.56 7.99 -3.19
N ASP A 116 -12.23 8.91 -2.52
CA ASP A 116 -13.68 8.86 -2.46
C ASP A 116 -14.24 8.86 -3.87
N SER A 117 -15.26 8.07 -4.09
CA SER A 117 -15.84 7.96 -5.43
C SER A 117 -17.13 7.17 -5.31
N ALA A 118 -17.86 7.15 -6.42
CA ALA A 118 -19.11 6.40 -6.47
C ALA A 118 -18.88 4.90 -6.32
N HIS A 119 -17.66 4.41 -6.54
CA HIS A 119 -17.40 2.99 -6.52
C HIS A 119 -16.50 2.55 -5.38
N LYS A 120 -16.20 3.45 -4.44
CA LYS A 120 -15.41 3.10 -3.27
C LYS A 120 -16.27 2.39 -2.25
N LEU A 121 -15.81 1.23 -1.81
CA LEU A 121 -16.52 0.41 -0.87
C LEU A 121 -15.88 0.49 0.51
N PHE A 122 -16.71 0.34 1.52
CA PHE A 122 -16.33 0.16 2.91
C PHE A 122 -16.65 -1.30 3.27
N ILE A 123 -15.69 -1.99 3.88
CA ILE A 123 -15.88 -3.36 4.32
C ILE A 123 -15.62 -3.38 5.82
N GLY A 124 -16.65 -3.68 6.60
CA GLY A 124 -16.55 -3.67 8.04
C GLY A 124 -16.83 -5.05 8.60
N GLY A 125 -16.41 -5.29 9.84
CA GLY A 125 -16.67 -6.57 10.47
C GLY A 125 -15.71 -7.67 10.10
N LEU A 126 -14.52 -7.33 9.59
CA LEU A 126 -13.52 -8.33 9.26
C LEU A 126 -12.90 -8.85 10.54
N PRO A 127 -12.60 -10.15 10.64
CA PRO A 127 -11.81 -10.63 11.78
C PRO A 127 -10.49 -9.86 11.85
N ASN A 128 -10.10 -9.49 13.08
CA ASN A 128 -8.98 -8.58 13.23
C ASN A 128 -7.66 -9.28 12.94
N TYR A 129 -7.65 -10.59 12.83
CA TYR A 129 -6.43 -11.33 12.58
C TYR A 129 -6.13 -11.54 11.10
N LEU A 130 -7.05 -11.18 10.21
CA LEU A 130 -6.80 -11.34 8.79
C LEU A 130 -5.85 -10.25 8.34
N ASN A 131 -4.78 -10.64 7.65
CA ASN A 131 -3.83 -9.64 7.18
C ASN A 131 -4.29 -9.06 5.85
N ASP A 132 -3.55 -8.05 5.37
CA ASP A 132 -3.92 -7.31 4.16
C ASP A 132 -4.13 -8.26 2.98
N ASP A 133 -3.18 -9.17 2.78
CA ASP A 133 -3.27 -10.10 1.65
C ASP A 133 -4.51 -11.01 1.76
N GLN A 134 -4.82 -11.47 2.97
CA GLN A 134 -6.00 -12.33 3.14
C GLN A 134 -7.30 -11.56 2.90
N VAL A 135 -7.36 -10.32 3.33
CA VAL A 135 -8.57 -9.54 3.05
C VAL A 135 -8.69 -9.26 1.57
N LYS A 136 -7.57 -8.91 0.91
CA LYS A 136 -7.62 -8.74 -0.55
C LYS A 136 -8.07 -10.02 -1.22
N GLU A 137 -7.58 -11.15 -0.74
CA GLU A 137 -7.96 -12.44 -1.34
C GLU A 137 -9.47 -12.59 -1.34
N LEU A 138 -10.11 -12.26 -0.22
CA LEU A 138 -11.56 -12.33 -0.13
C LEU A 138 -12.23 -11.42 -1.14
N LEU A 139 -11.77 -10.18 -1.23
CA LEU A 139 -12.42 -9.19 -2.08
C LEU A 139 -12.22 -9.51 -3.55
N THR A 140 -11.10 -10.13 -3.91
CA THR A 140 -10.81 -10.44 -5.30
C THR A 140 -11.63 -11.63 -5.80
N SER A 141 -12.46 -12.23 -4.94
CA SER A 141 -13.49 -13.15 -5.40
C SER A 141 -14.34 -12.53 -6.49
N PHE A 142 -14.40 -11.20 -6.55
CA PHE A 142 -15.20 -10.48 -7.54
C PHE A 142 -14.36 -9.78 -8.59
N GLY A 143 -13.08 -10.07 -8.67
CA GLY A 143 -12.23 -9.49 -9.68
C GLY A 143 -11.12 -8.65 -9.09
N PRO A 144 -10.22 -8.15 -9.93
CA PRO A 144 -9.05 -7.45 -9.40
C PRO A 144 -9.40 -6.10 -8.83
N LEU A 145 -8.62 -5.70 -7.83
CA LEU A 145 -8.77 -4.42 -7.16
C LEU A 145 -7.92 -3.35 -7.80
N LYS A 146 -8.45 -2.13 -7.85
CA LYS A 146 -7.74 -0.94 -8.27
C LYS A 146 -7.06 -0.25 -7.10
N ALA A 147 -7.64 -0.31 -5.91
CA ALA A 147 -7.04 0.27 -4.71
C ALA A 147 -7.63 -0.43 -3.51
N PHE A 148 -6.89 -0.42 -2.42
CA PHE A 148 -7.29 -1.15 -1.22
C PHE A 148 -6.46 -0.69 -0.03
N ASN A 149 -7.11 -0.42 1.11
CA ASN A 149 -6.37 -0.22 2.35
C ASN A 149 -7.13 -0.83 3.52
N LEU A 150 -6.41 -1.64 4.31
CA LEU A 150 -6.92 -2.19 5.55
C LEU A 150 -6.44 -1.32 6.70
N VAL A 151 -7.35 -0.88 7.55
CA VAL A 151 -7.00 0.06 8.61
C VAL A 151 -6.46 -0.70 9.81
N LYS A 152 -5.32 -0.25 10.32
CA LYS A 152 -4.58 -0.92 11.38
C LYS A 152 -4.74 -0.18 12.70
N ASP A 153 -4.56 -0.93 13.78
CA ASP A 153 -4.52 -0.40 15.14
C ASP A 153 -3.05 -0.26 15.56
N SER A 154 -2.66 0.99 15.81
CA SER A 154 -1.28 1.31 16.20
C SER A 154 -0.88 0.59 17.49
N ALA A 155 -1.81 0.40 18.41
CA ALA A 155 -1.44 -0.15 19.71
C ALA A 155 -1.26 -1.65 19.67
N THR A 156 -2.12 -2.36 18.94
CA THR A 156 -2.12 -3.82 18.97
C THR A 156 -1.34 -4.40 17.81
N GLY A 157 -0.90 -3.56 16.87
CA GLY A 157 -0.16 -4.01 15.72
C GLY A 157 -1.00 -4.82 14.78
N LEU A 158 -2.32 -4.62 14.82
CA LEU A 158 -3.28 -5.53 14.22
C LEU A 158 -4.39 -4.72 13.54
N SER A 159 -5.13 -5.38 12.67
CA SER A 159 -6.21 -4.73 11.93
C SER A 159 -7.31 -4.22 12.86
N LYS A 160 -7.94 -3.10 12.46
CA LYS A 160 -9.16 -2.62 13.14
C LYS A 160 -10.42 -3.27 12.61
N GLY A 161 -10.29 -4.20 11.67
CA GLY A 161 -11.45 -4.93 11.20
C GLY A 161 -12.22 -4.27 10.08
N TYR A 162 -11.71 -3.21 9.49
CA TYR A 162 -12.40 -2.56 8.37
C TYR A 162 -11.40 -2.04 7.34
N ALA A 163 -11.90 -1.91 6.11
CA ALA A 163 -11.07 -1.67 4.94
C ALA A 163 -11.91 -0.94 3.91
N PHE A 164 -11.20 -0.38 2.92
CA PHE A 164 -11.78 0.34 1.80
C PHE A 164 -11.17 -0.20 0.51
N CYS A 165 -11.95 -0.20 -0.56
CA CYS A 165 -11.43 -0.73 -1.81
C CYS A 165 -12.23 -0.17 -2.97
N GLU A 166 -11.69 -0.41 -4.16
CA GLU A 166 -12.39 -0.16 -5.41
C GLU A 166 -11.90 -1.16 -6.42
N TYR A 167 -12.81 -1.68 -7.24
CA TYR A 167 -12.48 -2.69 -8.23
C TYR A 167 -12.00 -2.05 -9.52
N VAL A 168 -11.14 -2.77 -10.24
CA VAL A 168 -10.73 -2.32 -11.56
C VAL A 168 -11.97 -2.12 -12.44
N ASP A 169 -12.88 -3.09 -12.40
CA ASP A 169 -14.12 -3.05 -13.19
C ASP A 169 -15.20 -2.48 -12.27
N ILE A 170 -15.48 -1.20 -12.44
CA ILE A 170 -16.42 -0.54 -11.53
C ILE A 170 -17.80 -1.14 -11.57
N ASN A 171 -18.13 -1.87 -12.65
CA ASN A 171 -19.46 -2.41 -12.82
C ASN A 171 -19.69 -3.67 -11.99
N VAL A 172 -18.66 -4.19 -11.30
CA VAL A 172 -18.87 -5.32 -10.40
C VAL A 172 -19.20 -4.88 -8.99
N THR A 173 -19.25 -3.57 -8.74
CA THR A 173 -19.39 -3.06 -7.40
C THR A 173 -20.65 -3.58 -6.73
N ASP A 174 -21.80 -3.54 -7.42
CA ASP A 174 -23.02 -3.96 -6.74
C ASP A 174 -23.07 -5.47 -6.57
N GLN A 175 -22.47 -6.23 -7.49
CA GLN A 175 -22.39 -7.67 -7.28
C GLN A 175 -21.54 -8.00 -6.06
N ALA A 176 -20.46 -7.25 -5.86
CA ALA A 176 -19.61 -7.52 -4.71
C ALA A 176 -20.33 -7.15 -3.42
N ILE A 177 -21.06 -6.03 -3.40
CA ILE A 177 -21.89 -5.71 -2.24
C ILE A 177 -22.84 -6.86 -1.96
N ALA A 178 -23.56 -7.31 -2.99
CA ALA A 178 -24.56 -8.35 -2.82
C ALA A 178 -23.92 -9.66 -2.39
N GLY A 179 -22.73 -9.96 -2.94
CA GLY A 179 -22.08 -11.21 -2.63
C GLY A 179 -21.44 -11.23 -1.24
N LEU A 180 -21.01 -10.06 -0.74
CA LEU A 180 -20.26 -10.01 0.52
C LEU A 180 -21.04 -9.43 1.68
N ASN A 181 -21.94 -8.45 1.45
CA ASN A 181 -22.65 -7.84 2.56
C ASN A 181 -23.41 -8.90 3.35
N GLY A 182 -23.28 -8.84 4.68
CA GLY A 182 -23.90 -9.81 5.55
C GLY A 182 -23.22 -11.16 5.57
N MET A 183 -22.14 -11.34 4.84
CA MET A 183 -21.46 -12.63 4.85
C MET A 183 -20.94 -12.95 6.24
N GLN A 184 -21.19 -14.18 6.70
CA GLN A 184 -20.69 -14.64 7.98
C GLN A 184 -19.23 -15.03 7.81
N LEU A 185 -18.35 -14.35 8.54
CA LEU A 185 -16.92 -14.60 8.45
C LEU A 185 -16.42 -14.77 9.87
N GLY A 186 -16.15 -16.01 10.25
CA GLY A 186 -15.84 -16.31 11.63
C GLY A 186 -17.01 -15.96 12.51
N ASP A 187 -16.73 -15.19 13.56
CA ASP A 187 -17.74 -14.79 14.52
C ASP A 187 -18.49 -13.54 14.12
N LYS A 188 -18.09 -12.87 13.04
CA LYS A 188 -18.69 -11.60 12.66
C LYS A 188 -19.42 -11.74 11.33
N LYS A 189 -20.28 -10.77 11.05
CA LYS A 189 -20.96 -10.66 9.77
C LYS A 189 -20.43 -9.41 9.08
N LEU A 190 -20.00 -9.56 7.83
CA LEU A 190 -19.48 -8.42 7.09
C LEU A 190 -20.54 -7.35 6.84
N LEU A 191 -20.13 -6.09 6.91
CA LEU A 191 -20.89 -4.99 6.35
C LEU A 191 -20.13 -4.49 5.12
N VAL A 192 -20.77 -4.54 3.96
CA VAL A 192 -20.17 -4.06 2.71
C VAL A 192 -21.17 -3.12 2.05
N GLN A 193 -20.75 -1.89 1.83
CA GLN A 193 -21.59 -0.85 1.24
C GLN A 193 -20.66 0.19 0.66
N ARG A 194 -21.22 1.06 -0.18
CA ARG A 194 -20.46 2.20 -0.64
C ARG A 194 -20.01 3.03 0.55
N ALA A 195 -18.75 3.49 0.50
CA ALA A 195 -18.16 4.12 1.67
C ALA A 195 -18.83 5.46 1.96
N SER A 196 -19.50 6.04 0.97
CA SER A 196 -20.15 7.32 1.20
C SER A 196 -21.36 7.18 2.12
N VAL A 197 -21.93 5.98 2.22
CA VAL A 197 -23.09 5.75 3.09
C VAL A 197 -22.76 6.12 4.54
N GLY A 198 -21.57 5.73 5.01
CA GLY A 198 -21.26 5.83 6.42
C GLY A 198 -20.06 6.69 6.80
N ALA A 199 -19.59 7.49 5.85
CA ALA A 199 -18.42 8.31 6.10
C ALA A 199 -18.74 9.44 7.09
N LYS A 200 -17.81 9.68 8.01
CA LYS A 200 -17.95 10.76 8.97
C LYS A 200 -17.28 12.03 8.47
#